data_4CHH
#
_entry.id   4CHH
#
_cell.length_a   39.750
_cell.length_b   48.290
_cell.length_c   96.280
_cell.angle_alpha   90.00
_cell.angle_beta   98.10
_cell.angle_gamma   90.00
#
_symmetry.space_group_name_H-M   'P 1 21 1'
#
loop_
_entity.id
_entity.type
_entity.pdbx_description
1 polymer 'PROTEIN INTERACTING WITH HSP90 1'
2 non-polymer 1,2-ETHANEDIOL
3 water water
#
_entity_poly.entity_id   1
_entity_poly.type   'polypeptide(L)'
_entity_poly.pdbx_seq_one_letter_code
;MADFLLRPIKQRHRNEDKYVSVDAADGSVSKIEPIADFVIKTKLLSANGPEKLQDGRKVFINVCHSPLVPKPEVDFNARI
VFPLIIQNEWEIPIITSCYRMDHDKKGQECYVWDCCINSDCSRWICDDIQLREILVEWCLESCEIRDSVVLCRDRIAFPK
MKKKGAELPALEVLNDELHQDYKAK
;
_entity_poly.pdbx_strand_id   A,B
#
loop_
_chem_comp.id
_chem_comp.type
_chem_comp.name
_chem_comp.formula
EDO non-polymer 1,2-ETHANEDIOL 'C2 H6 O2'
#
# COMPACT_ATOMS: atom_id res chain seq x y z
N SER A 28 -14.14 -9.35 12.51
CA SER A 28 -13.11 -9.74 11.55
C SER A 28 -11.91 -8.77 11.60
N VAL A 29 -10.69 -9.33 11.78
CA VAL A 29 -9.47 -8.54 11.86
C VAL A 29 -8.78 -8.49 10.49
N SER A 30 -8.48 -7.27 10.02
CA SER A 30 -7.76 -7.03 8.78
C SER A 30 -6.33 -6.64 9.09
N LYS A 31 -5.42 -6.90 8.14
CA LYS A 31 -4.01 -6.56 8.27
C LYS A 31 -3.66 -5.44 7.31
N ILE A 32 -2.90 -4.49 7.79
CA ILE A 32 -2.38 -3.40 6.99
C ILE A 32 -0.88 -3.58 7.00
N GLU A 33 -0.25 -3.75 5.83
CA GLU A 33 1.20 -3.88 5.72
C GLU A 33 1.75 -2.50 5.33
N PRO A 34 2.39 -1.78 6.27
CA PRO A 34 2.82 -0.40 5.96
C PRO A 34 4.00 -0.29 5.01
N ILE A 35 4.06 0.81 4.26
CA ILE A 35 5.14 1.13 3.32
C ILE A 35 6.05 2.14 4.04
N ALA A 36 7.33 1.79 4.25
CA ALA A 36 8.30 2.65 4.95
C ALA A 36 8.42 4.03 4.27
N ASP A 37 8.53 5.07 5.07
CA ASP A 37 8.63 6.40 4.50
C ASP A 37 9.79 7.12 5.19
N PHE A 38 9.58 7.63 6.41
CA PHE A 38 10.66 8.31 7.13
C PHE A 38 10.58 8.03 8.65
N VAL A 39 11.58 8.48 9.42
CA VAL A 39 11.73 8.24 10.87
C VAL A 39 11.78 9.54 11.67
N ILE A 40 11.15 9.50 12.84
CA ILE A 40 11.22 10.58 13.84
C ILE A 40 12.02 9.99 14.98
N LYS A 41 13.10 10.65 15.37
CA LYS A 41 13.88 10.22 16.53
C LYS A 41 13.59 11.19 17.66
N THR A 42 13.30 10.67 18.85
CA THR A 42 13.02 11.52 19.99
C THR A 42 13.56 10.82 21.23
N LYS A 43 13.12 11.29 22.39
CA LYS A 43 13.53 10.84 23.71
C LYS A 43 12.30 10.59 24.61
N LEU A 44 12.31 9.49 25.35
CA LEU A 44 11.20 9.21 26.29
C LEU A 44 11.40 10.06 27.58
N LEU A 45 10.47 10.97 27.92
CA LEU A 45 10.68 11.76 29.14
C LEU A 45 10.08 11.06 30.35
N SER A 46 8.90 10.46 30.19
CA SER A 46 8.24 9.74 31.29
C SER A 46 7.28 8.72 30.72
N ALA A 47 6.98 7.67 31.50
CA ALA A 47 6.14 6.54 31.15
C ALA A 47 5.17 6.29 32.31
N ASN A 48 3.90 6.58 32.11
CA ASN A 48 2.91 6.50 33.17
C ASN A 48 1.87 5.43 32.83
N GLY A 49 2.24 4.52 31.93
CA GLY A 49 1.35 3.47 31.43
C GLY A 49 1.29 2.19 32.24
N PRO A 50 0.59 1.15 31.72
CA PRO A 50 0.50 -0.12 32.47
C PRO A 50 1.79 -0.94 32.42
N GLU A 51 2.77 -0.53 31.62
CA GLU A 51 4.00 -1.32 31.46
C GLU A 51 5.23 -0.49 31.82
N LYS A 52 6.33 -1.16 32.16
CA LYS A 52 7.55 -0.46 32.57
C LYS A 52 8.45 -0.13 31.38
N LEU A 53 8.82 1.15 31.30
CA LEU A 53 9.78 1.69 30.34
C LEU A 53 10.81 2.49 31.12
N GLN A 54 12.03 2.58 30.61
CA GLN A 54 13.10 3.36 31.25
C GLN A 54 13.11 4.79 30.72
N ASP A 55 12.93 5.80 31.60
CA ASP A 55 12.98 7.22 31.22
C ASP A 55 14.34 7.58 30.61
N GLY A 56 14.32 8.47 29.62
CA GLY A 56 15.52 8.97 28.98
C GLY A 56 16.02 8.15 27.80
N ARG A 57 15.38 7.01 27.53
CA ARG A 57 15.77 6.19 26.39
C ARG A 57 15.31 6.80 25.07
N LYS A 58 16.07 6.51 24.01
CA LYS A 58 15.81 6.93 22.64
C LYS A 58 14.53 6.32 22.15
N VAL A 59 13.80 7.10 21.40
CA VAL A 59 12.54 6.70 20.81
C VAL A 59 12.62 6.91 19.31
N PHE A 60 12.09 5.95 18.57
CA PHE A 60 11.98 6.04 17.12
C PHE A 60 10.57 5.82 16.68
N ILE A 61 10.10 6.67 15.80
CA ILE A 61 8.76 6.52 15.24
C ILE A 61 8.90 6.32 13.75
N ASN A 62 8.40 5.19 13.23
CA ASN A 62 8.38 4.92 11.82
C ASN A 62 7.12 5.52 11.18
N VAL A 63 7.25 6.65 10.45
CA VAL A 63 6.12 7.25 9.72
C VAL A 63 6.03 6.48 8.42
N CYS A 64 4.93 5.82 8.23
CA CYS A 64 4.78 4.91 7.11
C CYS A 64 3.38 5.06 6.55
N HIS A 65 3.08 4.39 5.44
CA HIS A 65 1.77 4.60 4.83
C HIS A 65 1.19 3.35 4.17
N SER A 66 -0.11 3.42 3.88
CA SER A 66 -0.88 2.42 3.17
C SER A 66 -2.15 3.06 2.60
N PRO A 67 -2.63 2.60 1.42
CA PRO A 67 -3.89 3.15 0.88
C PRO A 67 -5.11 2.67 1.68
N LEU A 68 -4.90 1.75 2.64
CA LEU A 68 -5.94 1.15 3.48
C LEU A 68 -6.31 1.98 4.72
N VAL A 69 -5.49 3.00 5.04
CA VAL A 69 -5.71 3.90 6.16
C VAL A 69 -6.72 4.95 5.69
N PRO A 70 -7.75 5.29 6.49
CA PRO A 70 -8.64 6.38 6.10
C PRO A 70 -7.89 7.68 5.82
N LYS A 71 -8.50 8.54 5.02
CA LYS A 71 -7.91 9.82 4.69
C LYS A 71 -8.96 10.94 4.89
N PRO A 72 -8.56 12.21 5.14
CA PRO A 72 -9.57 13.28 5.30
C PRO A 72 -10.51 13.35 4.08
N GLU A 73 -11.75 13.73 4.32
CA GLU A 73 -12.76 13.93 3.27
C GLU A 73 -12.44 15.19 2.48
N VAL A 74 -11.88 16.22 3.16
CA VAL A 74 -11.46 17.49 2.55
C VAL A 74 -10.02 17.31 2.03
N ASP A 75 -9.84 17.49 0.71
CA ASP A 75 -8.55 17.42 -0.01
C ASP A 75 -7.60 18.49 0.53
N PHE A 76 -6.27 18.18 0.58
CA PHE A 76 -5.33 19.16 1.14
C PHE A 76 -5.12 20.35 0.22
N ASN A 77 -5.50 21.49 0.75
CA ASN A 77 -5.33 22.83 0.22
C ASN A 77 -5.03 23.68 1.46
N ALA A 78 -3.82 24.27 1.53
CA ALA A 78 -3.31 25.01 2.70
C ALA A 78 -4.29 26.05 3.24
N ARG A 79 -4.86 26.88 2.38
CA ARG A 79 -5.76 27.98 2.80
C ARG A 79 -7.08 27.48 3.37
N ILE A 80 -7.55 26.31 2.94
CA ILE A 80 -8.77 25.70 3.46
C ILE A 80 -8.47 24.94 4.75
N VAL A 81 -7.40 24.12 4.71
CA VAL A 81 -7.09 23.14 5.73
C VAL A 81 -6.46 23.70 7.01
N PHE A 82 -5.49 24.62 6.93
CA PHE A 82 -4.86 25.10 8.17
C PHE A 82 -5.90 25.74 9.13
N PRO A 83 -6.88 26.55 8.65
CA PRO A 83 -7.92 27.02 9.56
C PRO A 83 -8.75 25.87 10.16
N LEU A 84 -9.04 24.81 9.37
CA LEU A 84 -9.77 23.62 9.85
C LEU A 84 -8.98 22.86 10.92
N ILE A 85 -7.64 22.83 10.80
CA ILE A 85 -6.78 22.18 11.79
C ILE A 85 -6.90 22.95 13.11
N ILE A 86 -6.83 24.30 13.07
CA ILE A 86 -6.98 25.15 14.26
C ILE A 86 -8.38 24.92 14.89
N GLN A 87 -9.40 24.71 14.04
CA GLN A 87 -10.77 24.46 14.52
C GLN A 87 -11.01 23.02 14.99
N ASN A 88 -9.96 22.12 14.89
CA ASN A 88 -10.05 20.68 15.24
C ASN A 88 -11.09 19.96 14.37
N GLU A 89 -11.20 20.42 13.11
CA GLU A 89 -12.15 19.89 12.12
CA GLU A 89 -12.16 19.86 12.15
C GLU A 89 -11.45 19.08 11.04
N TRP A 90 -10.11 19.02 11.07
CA TRP A 90 -9.38 18.28 10.05
C TRP A 90 -8.13 17.67 10.66
N GLU A 91 -7.83 16.43 10.27
CA GLU A 91 -6.64 15.72 10.73
C GLU A 91 -6.26 14.64 9.77
N ILE A 92 -4.98 14.32 9.68
CA ILE A 92 -4.54 13.16 8.90
C ILE A 92 -4.78 11.94 9.82
N PRO A 93 -5.69 10.98 9.51
CA PRO A 93 -5.84 9.80 10.40
C PRO A 93 -4.51 9.00 10.53
N ILE A 94 -4.21 8.56 11.75
CA ILE A 94 -3.00 7.77 12.05
C ILE A 94 -3.41 6.46 12.74
N ILE A 95 -2.87 5.33 12.26
CA ILE A 95 -3.01 4.04 12.92
C ILE A 95 -1.60 3.73 13.48
N THR A 96 -1.50 3.62 14.80
CA THR A 96 -0.24 3.43 15.52
C THR A 96 -0.15 2.03 16.06
N SER A 97 1.01 1.43 15.89
CA SER A 97 1.27 0.09 16.38
C SER A 97 1.52 0.10 17.88
N CYS A 98 1.57 -1.11 18.48
CA CYS A 98 2.05 -1.22 19.84
C CYS A 98 3.58 -0.96 19.75
N TYR A 99 4.22 -0.49 20.83
CA TYR A 99 5.65 -0.23 20.76
C TYR A 99 6.41 -1.54 20.73
N ARG A 100 7.62 -1.50 20.22
CA ARG A 100 8.49 -2.66 20.26
C ARG A 100 9.86 -2.19 20.73
N MET A 101 10.69 -3.13 21.21
CA MET A 101 11.98 -2.78 21.73
C MET A 101 13.11 -3.15 20.79
N ASP A 102 14.06 -2.23 20.67
CA ASP A 102 15.31 -2.38 19.95
C ASP A 102 16.41 -2.01 20.94
N HIS A 103 17.66 -2.17 20.55
CA HIS A 103 18.76 -1.85 21.44
C HIS A 103 19.82 -1.10 20.69
N ASP A 104 20.48 -0.10 21.32
CA ASP A 104 21.55 0.63 20.65
C ASP A 104 22.85 -0.24 20.73
N LYS A 105 24.00 0.28 20.26
CA LYS A 105 25.27 -0.47 20.24
C LYS A 105 25.90 -0.64 21.63
N LYS A 106 25.45 0.10 22.63
CA LYS A 106 25.94 -0.01 24.00
C LYS A 106 25.01 -0.94 24.85
N GLY A 107 24.04 -1.56 24.18
CA GLY A 107 23.04 -2.46 24.77
C GLY A 107 21.90 -1.73 25.45
N GLN A 108 21.75 -0.39 25.24
CA GLN A 108 20.69 0.33 25.91
C GLN A 108 19.40 0.25 25.12
N GLU A 109 18.29 0.04 25.84
CA GLU A 109 16.95 -0.06 25.26
C GLU A 109 16.52 1.17 24.47
N CYS A 110 15.84 0.96 23.34
CA CYS A 110 15.26 1.98 22.45
CA CYS A 110 15.22 2.04 22.59
C CYS A 110 13.83 1.55 22.14
N TYR A 111 12.86 2.47 22.13
CA TYR A 111 11.47 2.10 21.85
C TYR A 111 11.03 2.59 20.51
N VAL A 112 10.36 1.71 19.80
CA VAL A 112 9.96 1.92 18.41
C VAL A 112 8.44 1.77 18.24
N TRP A 113 7.81 2.74 17.59
CA TRP A 113 6.39 2.73 17.21
C TRP A 113 6.28 2.94 15.72
N ASP A 114 5.25 2.37 15.11
CA ASP A 114 4.97 2.66 13.69
C ASP A 114 3.72 3.53 13.66
N CYS A 115 3.73 4.60 12.88
CA CYS A 115 2.58 5.51 12.71
C CYS A 115 2.23 5.51 11.23
N CYS A 116 1.15 4.81 10.86
CA CYS A 116 0.74 4.60 9.48
C CYS A 116 -0.37 5.55 9.07
N ILE A 117 -0.15 6.25 7.96
CA ILE A 117 -1.12 7.21 7.43
C ILE A 117 -1.52 6.76 6.04
N ASN A 118 -2.55 7.40 5.47
CA ASN A 118 -2.95 7.11 4.11
C ASN A 118 -1.83 7.52 3.17
N SER A 119 -1.61 6.74 2.12
CA SER A 119 -0.59 6.97 1.11
C SER A 119 -0.70 8.36 0.44
N ASP A 120 -1.93 8.87 0.20
CA ASP A 120 -2.11 10.20 -0.41
C ASP A 120 -1.60 11.27 0.54
N CYS A 121 -1.87 11.13 1.85
CA CYS A 121 -1.42 12.05 2.91
C CYS A 121 0.10 12.06 3.01
N SER A 122 0.77 10.90 2.76
CA SER A 122 2.24 10.83 2.76
C SER A 122 2.82 11.68 1.63
N ARG A 123 2.06 11.87 0.53
CA ARG A 123 2.50 12.69 -0.61
C ARG A 123 2.27 14.17 -0.30
N TRP A 124 1.19 14.52 0.40
CA TRP A 124 0.90 15.91 0.78
C TRP A 124 2.01 16.49 1.65
N ILE A 125 2.51 15.68 2.62
CA ILE A 125 3.53 16.16 3.58
C ILE A 125 4.93 16.28 2.90
N CYS A 126 5.10 15.76 1.65
CA CYS A 126 6.31 15.94 0.85
C CYS A 126 6.38 17.36 0.31
N ASP A 127 5.21 17.88 -0.14
CA ASP A 127 5.05 19.16 -0.82
C ASP A 127 4.74 20.36 0.10
N ASP A 128 4.34 20.12 1.36
CA ASP A 128 4.06 21.21 2.28
C ASP A 128 4.74 20.91 3.60
N ILE A 129 5.78 21.71 3.92
CA ILE A 129 6.61 21.53 5.12
C ILE A 129 5.82 21.89 6.38
N GLN A 130 4.88 22.85 6.30
CA GLN A 130 4.07 23.20 7.46
C GLN A 130 3.17 22.03 7.84
N LEU A 131 2.56 21.36 6.84
CA LEU A 131 1.72 20.16 7.07
C LEU A 131 2.60 19.01 7.64
N ARG A 132 3.81 18.84 7.09
CA ARG A 132 4.74 17.79 7.59
C ARG A 132 5.04 18.01 9.11
N GLU A 133 5.33 19.26 9.52
CA GLU A 133 5.60 19.55 10.94
C GLU A 133 4.41 19.18 11.83
N ILE A 134 3.18 19.55 11.40
CA ILE A 134 1.96 19.23 12.15
C ILE A 134 1.76 17.69 12.18
N LEU A 135 2.06 17.00 11.06
CA LEU A 135 1.89 15.55 11.00
C LEU A 135 2.87 14.88 12.02
N VAL A 136 4.11 15.38 12.08
CA VAL A 136 5.13 14.84 13.02
C VAL A 136 4.62 14.99 14.48
N GLU A 137 4.04 16.17 14.83
CA GLU A 137 3.45 16.44 16.15
C GLU A 137 2.30 15.44 16.43
N TRP A 138 1.40 15.19 15.43
CA TRP A 138 0.29 14.23 15.56
C TRP A 138 0.78 12.81 15.82
N CYS A 139 1.90 12.42 15.17
CA CYS A 139 2.53 11.11 15.36
C CYS A 139 3.07 10.99 16.78
N LEU A 140 3.74 12.04 17.30
CA LEU A 140 4.23 12.06 18.67
C LEU A 140 3.07 11.95 19.65
N GLU A 141 1.99 12.75 19.45
CA GLU A 141 0.82 12.68 20.32
C GLU A 141 0.16 11.32 20.27
N SER A 142 0.14 10.67 19.08
CA SER A 142 -0.48 9.34 18.95
C SER A 142 0.20 8.31 19.83
N CYS A 143 1.55 8.30 19.91
CA CYS A 143 2.26 7.33 20.76
C CYS A 143 2.03 7.65 22.22
N GLU A 144 2.03 8.96 22.55
CA GLU A 144 1.78 9.46 23.89
C GLU A 144 0.41 9.02 24.42
N ILE A 145 -0.61 9.11 23.57
CA ILE A 145 -1.99 8.74 23.90
C ILE A 145 -2.12 7.21 24.09
N ARG A 146 -1.66 6.42 23.09
CA ARG A 146 -1.87 4.99 23.15
C ARG A 146 -1.08 4.28 24.26
N ASP A 147 0.08 4.82 24.68
CA ASP A 147 0.88 4.16 25.68
C ASP A 147 1.18 4.99 26.95
N SER A 148 0.49 6.14 27.15
CA SER A 148 0.70 7.04 28.32
C SER A 148 2.18 7.39 28.54
N VAL A 149 2.86 7.79 27.48
CA VAL A 149 4.26 8.21 27.56
C VAL A 149 4.33 9.68 27.29
N VAL A 150 5.45 10.32 27.64
CA VAL A 150 5.68 11.74 27.37
C VAL A 150 6.95 11.76 26.52
N LEU A 151 6.88 12.32 25.30
CA LEU A 151 8.04 12.34 24.38
C LEU A 151 8.58 13.76 24.23
N CYS A 152 9.91 13.91 24.14
CA CYS A 152 10.58 15.22 24.02
C CYS A 152 10.33 15.86 22.64
N ARG A 153 9.96 17.14 22.65
CA ARG A 153 9.75 17.96 21.46
C ARG A 153 11.05 18.71 21.09
N ASP A 154 12.04 18.75 21.99
CA ASP A 154 13.30 19.47 21.71
C ASP A 154 14.38 18.53 21.20
N ARG A 155 14.58 17.38 21.88
CA ARG A 155 15.59 16.41 21.47
C ARG A 155 14.99 15.55 20.39
N ILE A 156 14.73 16.19 19.27
CA ILE A 156 14.08 15.61 18.11
C ILE A 156 15.02 15.69 16.90
N ALA A 157 15.05 14.59 16.11
CA ALA A 157 15.88 14.49 14.93
C ALA A 157 15.17 13.68 13.84
N PHE A 158 15.65 13.80 12.61
CA PHE A 158 15.10 13.13 11.44
C PHE A 158 16.20 12.33 10.72
N PRO A 159 16.40 11.07 11.14
CA PRO A 159 17.40 10.22 10.45
C PRO A 159 17.10 10.07 8.96
N LYS A 160 18.14 9.93 8.15
CA LYS A 160 17.98 9.83 6.68
C LYS A 160 17.49 8.42 6.23
N MET A 161 17.25 7.51 7.16
CA MET A 161 16.75 6.16 6.87
C MET A 161 15.23 6.17 6.67
N LYS A 162 14.72 5.19 5.92
CA LYS A 162 13.28 5.04 5.67
C LYS A 162 12.54 4.46 6.91
N LYS A 163 13.22 3.62 7.69
CA LYS A 163 12.64 2.99 8.89
C LYS A 163 13.75 2.57 9.85
N LYS A 164 13.38 2.41 11.12
CA LYS A 164 14.22 1.88 12.18
C LYS A 164 13.80 0.45 12.38
N GLY A 165 14.77 -0.46 12.33
CA GLY A 165 14.53 -1.89 12.51
C GLY A 165 14.33 -2.64 11.20
N ALA A 166 14.00 -3.93 11.31
CA ALA A 166 13.78 -4.75 10.11
C ALA A 166 12.40 -4.43 9.52
N GLU A 167 11.77 -5.36 8.79
CA GLU A 167 10.47 -5.17 8.17
C GLU A 167 9.43 -4.59 9.16
N LEU A 168 8.63 -3.61 8.73
CA LEU A 168 7.57 -3.01 9.55
C LEU A 168 6.49 -4.06 9.74
N PRO A 169 6.15 -4.48 10.98
CA PRO A 169 5.15 -5.53 11.14
C PRO A 169 3.74 -5.05 10.76
N ALA A 170 2.86 -6.02 10.38
CA ALA A 170 1.51 -5.67 9.97
C ALA A 170 0.71 -5.08 11.14
N LEU A 171 -0.21 -4.19 10.81
CA LEU A 171 -1.12 -3.60 11.77
C LEU A 171 -2.40 -4.36 11.72
N GLU A 172 -2.90 -4.79 12.88
CA GLU A 172 -4.15 -5.54 12.98
C GLU A 172 -5.26 -4.54 13.23
N VAL A 173 -6.21 -4.45 12.31
CA VAL A 173 -7.27 -3.47 12.47
C VAL A 173 -8.65 -4.09 12.27
N LEU A 174 -9.64 -3.50 12.94
CA LEU A 174 -11.03 -3.90 12.75
C LEU A 174 -11.52 -3.27 11.45
N ASN A 175 -12.52 -3.89 10.82
CA ASN A 175 -13.06 -3.48 9.53
C ASN A 175 -13.61 -2.04 9.53
N ASP A 176 -14.09 -1.54 10.67
CA ASP A 176 -14.61 -0.17 10.79
C ASP A 176 -13.46 0.88 10.93
N GLU A 177 -12.20 0.40 11.02
CA GLU A 177 -11.02 1.27 11.13
C GLU A 177 -10.40 1.50 9.74
N LEU A 178 -10.75 0.66 8.75
CA LEU A 178 -10.21 0.76 7.40
C LEU A 178 -10.79 1.94 6.61
N HIS A 179 -10.04 2.40 5.57
CA HIS A 179 -10.51 3.39 4.60
C HIS A 179 -11.85 2.87 4.05
N GLN A 180 -12.90 3.73 4.02
CA GLN A 180 -14.26 3.40 3.58
CA GLN A 180 -14.27 3.35 3.61
C GLN A 180 -14.31 2.48 2.34
N ASP A 181 -13.48 2.77 1.30
CA ASP A 181 -13.49 1.96 0.06
C ASP A 181 -12.85 0.56 0.21
N TYR A 182 -12.23 0.30 1.38
CA TYR A 182 -11.55 -0.97 1.59
C TYR A 182 -12.25 -1.84 2.65
N LYS A 183 -13.37 -1.35 3.23
CA LYS A 183 -14.19 -2.08 4.22
C LYS A 183 -14.89 -3.27 3.53
N ALA A 184 -15.53 -4.15 4.31
CA ALA A 184 -16.25 -5.31 3.80
C ALA A 184 -17.71 -4.98 3.51
N SER B 28 18.38 3.23 -8.20
CA SER B 28 17.79 3.25 -9.53
C SER B 28 16.65 2.23 -9.68
N VAL B 29 16.75 1.09 -8.96
CA VAL B 29 15.74 0.01 -8.98
C VAL B 29 15.05 -0.09 -7.59
N SER B 30 13.71 0.13 -7.59
CA SER B 30 12.82 0.15 -6.43
C SER B 30 11.94 -1.11 -6.39
N LYS B 31 11.33 -1.40 -5.22
CA LYS B 31 10.46 -2.56 -5.02
C LYS B 31 9.02 -2.16 -4.70
N ILE B 32 8.05 -2.83 -5.35
CA ILE B 32 6.62 -2.64 -5.12
C ILE B 32 6.11 -3.92 -4.46
N GLU B 33 5.57 -3.80 -3.24
CA GLU B 33 5.04 -4.97 -2.53
C GLU B 33 3.53 -4.92 -2.74
N PRO B 34 2.97 -5.78 -3.63
CA PRO B 34 1.55 -5.65 -3.95
C PRO B 34 0.64 -6.11 -2.82
N ILE B 35 -0.53 -5.50 -2.77
CA ILE B 35 -1.62 -5.79 -1.84
C ILE B 35 -2.57 -6.67 -2.60
N ALA B 36 -2.79 -7.93 -2.14
CA ALA B 36 -3.67 -8.90 -2.78
C ALA B 36 -5.12 -8.39 -2.81
N ASP B 37 -5.82 -8.61 -3.93
CA ASP B 37 -7.19 -8.12 -4.12
C ASP B 37 -8.11 -9.30 -4.58
N PHE B 38 -8.01 -9.73 -5.85
CA PHE B 38 -8.81 -10.86 -6.35
C PHE B 38 -8.03 -11.64 -7.41
N VAL B 39 -8.54 -12.82 -7.77
CA VAL B 39 -7.91 -13.71 -8.75
C VAL B 39 -8.79 -13.93 -9.99
N ILE B 40 -8.15 -13.93 -11.17
CA ILE B 40 -8.73 -14.32 -12.45
C ILE B 40 -8.22 -15.74 -12.71
N LYS B 41 -9.13 -16.68 -12.98
CA LYS B 41 -8.77 -18.07 -13.28
C LYS B 41 -9.25 -18.42 -14.70
N THR B 42 -8.33 -18.98 -15.50
CA THR B 42 -8.58 -19.43 -16.88
C THR B 42 -7.56 -20.54 -17.20
N LYS B 43 -7.33 -20.84 -18.49
CA LYS B 43 -6.39 -21.90 -18.87
C LYS B 43 -5.43 -21.41 -19.97
N LEU B 44 -4.23 -22.05 -20.04
CA LEU B 44 -3.23 -21.75 -21.06
C LEU B 44 -3.56 -22.50 -22.36
N LEU B 45 -3.84 -21.77 -23.45
CA LEU B 45 -4.12 -22.36 -24.75
C LEU B 45 -2.80 -22.76 -25.44
N SER B 46 -1.85 -21.81 -25.56
CA SER B 46 -0.53 -22.02 -26.16
C SER B 46 0.51 -21.05 -25.59
N ALA B 47 1.81 -21.39 -25.72
CA ALA B 47 2.92 -20.57 -25.23
C ALA B 47 4.06 -20.49 -26.28
N ASN B 48 4.05 -19.38 -27.04
CA ASN B 48 5.03 -19.10 -28.10
C ASN B 48 6.37 -18.57 -27.55
N GLY B 49 6.49 -18.50 -26.22
CA GLY B 49 7.68 -18.01 -25.51
C GLY B 49 8.91 -18.91 -25.56
N PRO B 50 9.98 -18.57 -24.80
CA PRO B 50 11.19 -19.40 -24.83
C PRO B 50 11.19 -20.63 -23.92
N GLU B 51 10.52 -20.54 -22.75
CA GLU B 51 10.45 -21.64 -21.77
C GLU B 51 9.45 -22.72 -22.20
N LYS B 52 9.65 -23.95 -21.70
CA LYS B 52 8.82 -25.13 -22.00
C LYS B 52 7.55 -25.18 -21.13
N LEU B 53 6.47 -24.51 -21.59
CA LEU B 53 5.18 -24.51 -20.89
C LEU B 53 4.23 -25.50 -21.54
N GLN B 54 3.20 -25.95 -20.80
CA GLN B 54 2.24 -26.93 -21.32
C GLN B 54 1.14 -26.26 -22.16
N ASP B 55 -0.11 -26.76 -22.04
CA ASP B 55 -1.33 -26.30 -22.72
C ASP B 55 -2.50 -27.00 -22.05
N GLY B 56 -3.51 -26.22 -21.66
CA GLY B 56 -4.69 -26.75 -20.99
C GLY B 56 -4.63 -26.61 -19.48
N ARG B 57 -3.40 -26.43 -18.93
CA ARG B 57 -3.15 -26.19 -17.51
C ARG B 57 -3.84 -24.90 -17.06
N LYS B 58 -4.27 -24.86 -15.80
CA LYS B 58 -4.97 -23.68 -15.28
C LYS B 58 -3.99 -22.52 -15.08
N VAL B 59 -4.46 -21.30 -15.32
CA VAL B 59 -3.67 -20.08 -15.12
C VAL B 59 -4.43 -19.18 -14.16
N PHE B 60 -3.67 -18.62 -13.20
CA PHE B 60 -4.19 -17.69 -12.21
C PHE B 60 -3.51 -16.35 -12.36
N ILE B 61 -4.30 -15.29 -12.35
CA ILE B 61 -3.75 -13.94 -12.39
C ILE B 61 -4.16 -13.26 -11.08
N ASN B 62 -3.18 -12.89 -10.27
CA ASN B 62 -3.43 -12.18 -9.03
C ASN B 62 -3.56 -10.69 -9.32
N VAL B 63 -4.80 -10.18 -9.33
CA VAL B 63 -5.02 -8.76 -9.54
C VAL B 63 -4.79 -8.13 -8.17
N CYS B 64 -3.73 -7.33 -8.08
CA CYS B 64 -3.24 -6.75 -6.85
C CYS B 64 -2.97 -5.26 -7.01
N HIS B 65 -2.67 -4.55 -5.90
CA HIS B 65 -2.49 -3.10 -6.03
C HIS B 65 -1.43 -2.50 -5.10
N SER B 66 -1.05 -1.27 -5.43
CA SER B 66 -0.09 -0.46 -4.70
C SER B 66 -0.27 1.02 -5.06
N PRO B 67 -0.07 1.97 -4.10
CA PRO B 67 -0.17 3.39 -4.47
C PRO B 67 1.03 3.85 -5.31
N LEU B 68 2.09 3.03 -5.38
CA LEU B 68 3.32 3.27 -6.15
C LEU B 68 3.12 3.05 -7.66
N VAL B 69 2.04 2.37 -8.07
CA VAL B 69 1.74 2.11 -9.49
C VAL B 69 1.13 3.37 -10.12
N PRO B 70 1.60 3.79 -11.33
CA PRO B 70 1.02 4.98 -11.98
C PRO B 70 -0.50 4.90 -12.14
N LYS B 71 -1.10 6.08 -12.08
CA LYS B 71 -2.54 6.31 -12.14
C LYS B 71 -2.89 7.07 -13.43
N PRO B 72 -4.07 6.87 -14.07
CA PRO B 72 -4.39 7.72 -15.24
C PRO B 72 -4.65 9.18 -14.79
N GLU B 73 -4.40 10.15 -15.70
CA GLU B 73 -4.56 11.60 -15.43
C GLU B 73 -6.01 11.99 -15.10
N VAL B 74 -6.99 11.24 -15.64
CA VAL B 74 -8.41 11.52 -15.44
C VAL B 74 -9.00 10.50 -14.45
N ASP B 75 -9.68 10.99 -13.39
CA ASP B 75 -10.31 10.12 -12.42
C ASP B 75 -11.58 9.53 -13.02
N PHE B 76 -11.82 8.24 -12.73
CA PHE B 76 -12.93 7.49 -13.29
C PHE B 76 -14.29 8.04 -12.91
N ASN B 77 -15.09 8.21 -13.96
CA ASN B 77 -16.49 8.62 -14.00
C ASN B 77 -17.08 7.91 -15.22
N ALA B 78 -18.10 7.05 -15.01
CA ALA B 78 -18.74 6.25 -16.06
C ALA B 78 -19.11 7.09 -17.31
N ARG B 79 -19.76 8.25 -17.11
CA ARG B 79 -20.23 9.16 -18.17
C ARG B 79 -19.09 9.85 -18.96
N ILE B 80 -17.90 10.01 -18.35
CA ILE B 80 -16.77 10.69 -19.00
C ILE B 80 -15.65 9.75 -19.45
N VAL B 81 -15.38 8.66 -18.70
CA VAL B 81 -14.26 7.76 -18.96
C VAL B 81 -14.61 6.66 -19.99
N PHE B 82 -15.81 6.03 -19.92
CA PHE B 82 -16.20 4.99 -20.89
C PHE B 82 -16.16 5.50 -22.36
N PRO B 83 -16.63 6.74 -22.71
CA PRO B 83 -16.45 7.21 -24.09
C PRO B 83 -14.97 7.45 -24.42
N LEU B 84 -14.20 7.98 -23.45
CA LEU B 84 -12.77 8.26 -23.57
C LEU B 84 -11.94 6.95 -23.66
N ILE B 85 -12.53 5.81 -23.24
CA ILE B 85 -11.92 4.47 -23.27
C ILE B 85 -12.07 3.83 -24.66
N ILE B 86 -13.27 3.95 -25.28
CA ILE B 86 -13.57 3.43 -26.62
C ILE B 86 -12.66 4.06 -27.68
N GLN B 87 -12.29 5.33 -27.46
CA GLN B 87 -11.40 6.12 -28.32
C GLN B 87 -9.89 5.80 -28.08
N ASN B 88 -9.59 4.94 -27.07
CA ASN B 88 -8.24 4.51 -26.63
C ASN B 88 -7.43 5.70 -26.09
N GLU B 89 -8.10 6.60 -25.35
CA GLU B 89 -7.50 7.80 -24.75
C GLU B 89 -7.40 7.69 -23.19
N TRP B 90 -7.75 6.52 -22.62
CA TRP B 90 -7.72 6.28 -21.17
C TRP B 90 -7.64 4.79 -20.83
N GLU B 91 -6.67 4.42 -19.99
CA GLU B 91 -6.50 3.04 -19.51
C GLU B 91 -5.77 3.01 -18.16
N ILE B 92 -6.06 1.96 -17.37
CA ILE B 92 -5.45 1.72 -16.05
C ILE B 92 -4.07 1.11 -16.26
N PRO B 93 -2.95 1.79 -15.87
CA PRO B 93 -1.62 1.17 -16.04
C PRO B 93 -1.46 -0.10 -15.17
N ILE B 94 -0.76 -1.11 -15.73
CA ILE B 94 -0.53 -2.42 -15.10
C ILE B 94 0.94 -2.74 -15.11
N ILE B 95 1.44 -3.27 -13.97
CA ILE B 95 2.79 -3.77 -13.80
C ILE B 95 2.61 -5.27 -13.61
N THR B 96 3.19 -6.06 -14.51
CA THR B 96 3.03 -7.51 -14.58
C THR B 96 4.33 -8.19 -14.31
N SER B 97 4.31 -9.17 -13.39
CA SER B 97 5.48 -9.97 -13.05
C SER B 97 5.72 -11.06 -14.11
N CYS B 98 6.83 -11.78 -13.96
CA CYS B 98 7.08 -12.96 -14.79
C CYS B 98 6.16 -14.06 -14.27
N TYR B 99 5.86 -15.08 -15.09
CA TYR B 99 5.05 -16.19 -14.63
C TYR B 99 5.83 -17.00 -13.59
N ARG B 100 5.13 -17.79 -12.79
CA ARG B 100 5.77 -18.69 -11.85
C ARG B 100 4.98 -19.98 -11.81
N MET B 101 5.70 -21.10 -11.64
CA MET B 101 5.11 -22.42 -11.58
C MET B 101 4.58 -22.66 -10.17
N ASP B 102 3.29 -22.98 -10.09
CA ASP B 102 2.62 -23.27 -8.82
C ASP B 102 1.84 -24.59 -8.97
N HIS B 103 1.03 -24.94 -7.96
CA HIS B 103 0.19 -26.13 -7.97
C HIS B 103 -1.24 -25.75 -7.61
N ASP B 104 -2.23 -26.27 -8.35
CA ASP B 104 -3.65 -25.99 -8.09
C ASP B 104 -4.14 -26.86 -6.91
N LYS B 105 -5.46 -26.88 -6.64
CA LYS B 105 -6.03 -27.65 -5.52
C LYS B 105 -5.91 -29.17 -5.74
N LYS B 106 -5.93 -29.66 -7.00
CA LYS B 106 -5.82 -31.09 -7.33
C LYS B 106 -4.34 -31.55 -7.41
N GLY B 107 -3.40 -30.64 -7.16
CA GLY B 107 -1.97 -30.93 -7.14
C GLY B 107 -1.24 -30.87 -8.46
N GLN B 108 -1.92 -30.42 -9.54
CA GLN B 108 -1.34 -30.29 -10.88
C GLN B 108 -0.64 -28.95 -11.04
N GLU B 109 0.43 -28.91 -11.84
CA GLU B 109 1.20 -27.68 -12.10
C GLU B 109 0.30 -26.65 -12.80
N CYS B 110 0.39 -25.41 -12.34
CA CYS B 110 -0.38 -24.28 -12.86
C CYS B 110 0.54 -23.06 -12.99
N TYR B 111 0.13 -22.06 -13.78
CA TYR B 111 0.98 -20.89 -13.98
C TYR B 111 0.31 -19.68 -13.37
N VAL B 112 1.08 -18.90 -12.60
CA VAL B 112 0.58 -17.72 -11.88
C VAL B 112 1.29 -16.43 -12.36
N TRP B 113 0.51 -15.34 -12.49
CA TRP B 113 0.98 -14.01 -12.82
C TRP B 113 0.45 -12.98 -11.82
N ASP B 114 1.26 -11.98 -11.51
CA ASP B 114 0.77 -10.87 -10.68
C ASP B 114 0.58 -9.67 -11.57
N CYS B 115 -0.60 -9.06 -11.50
CA CYS B 115 -0.94 -7.86 -12.25
C CYS B 115 -1.28 -6.77 -11.27
N CYS B 116 -0.31 -5.89 -11.04
CA CYS B 116 -0.41 -4.83 -10.06
C CYS B 116 -0.86 -3.52 -10.69
N ILE B 117 -1.93 -2.96 -10.12
CA ILE B 117 -2.53 -1.71 -10.58
C ILE B 117 -2.49 -0.67 -9.41
N ASN B 118 -2.81 0.60 -9.68
CA ASN B 118 -2.84 1.62 -8.64
C ASN B 118 -4.00 1.29 -7.69
N SER B 119 -3.81 1.54 -6.39
CA SER B 119 -4.83 1.25 -5.36
C SER B 119 -6.17 1.98 -5.63
N ASP B 120 -6.13 3.20 -6.20
CA ASP B 120 -7.35 3.95 -6.52
C ASP B 120 -8.12 3.23 -7.63
N CYS B 121 -7.39 2.71 -8.65
CA CYS B 121 -7.94 1.94 -9.76
C CYS B 121 -8.64 0.68 -9.25
N SER B 122 -8.08 0.02 -8.22
CA SER B 122 -8.67 -1.19 -7.62
C SER B 122 -10.01 -0.87 -6.94
N ARG B 123 -10.22 0.39 -6.56
CA ARG B 123 -11.45 0.81 -5.90
C ARG B 123 -12.53 1.15 -6.94
N TRP B 124 -12.12 1.65 -8.12
CA TRP B 124 -13.04 2.01 -9.21
C TRP B 124 -13.72 0.77 -9.78
N ILE B 125 -12.96 -0.33 -9.88
CA ILE B 125 -13.43 -1.59 -10.44
C ILE B 125 -14.34 -2.34 -9.44
N CYS B 126 -14.41 -1.86 -8.18
CA CYS B 126 -15.33 -2.39 -7.18
C CYS B 126 -16.71 -1.74 -7.34
N ASP B 127 -16.72 -0.45 -7.74
CA ASP B 127 -17.94 0.37 -7.88
C ASP B 127 -18.62 0.22 -9.24
N ASP B 128 -17.86 -0.14 -10.28
CA ASP B 128 -18.39 -0.29 -11.64
C ASP B 128 -17.93 -1.63 -12.24
N ILE B 129 -18.88 -2.56 -12.43
CA ILE B 129 -18.67 -3.91 -12.97
C ILE B 129 -18.25 -3.87 -14.46
N GLN B 130 -18.66 -2.84 -15.23
CA GLN B 130 -18.30 -2.69 -16.65
C GLN B 130 -16.81 -2.40 -16.79
N LEU B 131 -16.28 -1.46 -15.97
CA LEU B 131 -14.85 -1.10 -15.94
C LEU B 131 -14.00 -2.31 -15.45
N ARG B 132 -14.53 -3.08 -14.49
CA ARG B 132 -13.91 -4.28 -13.91
C ARG B 132 -13.68 -5.35 -14.98
N GLU B 133 -14.71 -5.66 -15.80
CA GLU B 133 -14.63 -6.63 -16.89
C GLU B 133 -13.58 -6.21 -17.93
N ILE B 134 -13.43 -4.88 -18.18
CA ILE B 134 -12.44 -4.31 -19.11
C ILE B 134 -11.02 -4.49 -18.54
N LEU B 135 -10.83 -4.20 -17.22
CA LEU B 135 -9.54 -4.34 -16.52
C LEU B 135 -9.07 -5.79 -16.54
N VAL B 136 -10.03 -6.74 -16.37
CA VAL B 136 -9.80 -8.18 -16.38
C VAL B 136 -9.19 -8.57 -17.74
N GLU B 137 -9.75 -8.02 -18.84
CA GLU B 137 -9.26 -8.23 -20.20
C GLU B 137 -7.84 -7.66 -20.37
N TRP B 138 -7.60 -6.44 -19.85
CA TRP B 138 -6.28 -5.77 -19.90
C TRP B 138 -5.19 -6.59 -19.19
N CYS B 139 -5.55 -7.29 -18.08
CA CYS B 139 -4.60 -8.13 -17.31
C CYS B 139 -4.24 -9.39 -18.11
N LEU B 140 -5.27 -10.03 -18.73
CA LEU B 140 -5.08 -11.24 -19.55
C LEU B 140 -4.15 -10.91 -20.69
N GLU B 141 -4.42 -9.78 -21.36
CA GLU B 141 -3.67 -9.17 -22.45
C GLU B 141 -2.22 -8.90 -22.02
N SER B 142 -2.01 -8.23 -20.84
CA SER B 142 -0.67 -7.90 -20.31
C SER B 142 0.21 -9.12 -20.07
N CYS B 143 -0.38 -10.25 -19.62
CA CYS B 143 0.37 -11.48 -19.39
C CYS B 143 0.72 -12.14 -20.71
N GLU B 144 -0.18 -12.01 -21.72
CA GLU B 144 0.00 -12.54 -23.06
C GLU B 144 1.13 -11.79 -23.77
N ILE B 145 1.06 -10.44 -23.81
CA ILE B 145 2.04 -9.59 -24.50
C ILE B 145 3.44 -9.66 -23.85
N ARG B 146 3.54 -9.76 -22.51
CA ARG B 146 4.87 -9.78 -21.88
C ARG B 146 5.52 -11.20 -21.86
N ASP B 147 4.72 -12.30 -21.80
CA ASP B 147 5.27 -13.65 -21.75
C ASP B 147 5.04 -14.47 -23.04
N SER B 148 4.44 -13.84 -24.08
CA SER B 148 4.13 -14.43 -25.40
C SER B 148 3.39 -15.76 -25.24
N VAL B 149 2.28 -15.72 -24.48
CA VAL B 149 1.41 -16.85 -24.16
C VAL B 149 0.01 -16.49 -24.68
N VAL B 150 -0.91 -17.47 -24.71
CA VAL B 150 -2.29 -17.26 -25.13
C VAL B 150 -3.18 -17.85 -24.04
N LEU B 151 -4.07 -17.02 -23.50
CA LEU B 151 -4.97 -17.42 -22.42
C LEU B 151 -6.39 -17.48 -22.91
N CYS B 152 -7.11 -18.52 -22.48
CA CYS B 152 -8.50 -18.77 -22.82
C CYS B 152 -9.42 -17.66 -22.29
N ARG B 153 -10.42 -17.25 -23.08
CA ARG B 153 -11.38 -16.22 -22.69
C ARG B 153 -12.77 -16.81 -22.38
N ASP B 154 -12.94 -18.13 -22.57
CA ASP B 154 -14.22 -18.82 -22.39
C ASP B 154 -14.41 -19.39 -20.98
N ARG B 155 -13.35 -19.96 -20.39
CA ARG B 155 -13.40 -20.58 -19.06
C ARG B 155 -12.88 -19.61 -17.97
N ILE B 156 -13.31 -18.32 -18.03
CA ILE B 156 -12.93 -17.28 -17.05
C ILE B 156 -13.70 -17.51 -15.76
N ALA B 157 -12.97 -17.71 -14.66
CA ALA B 157 -13.52 -17.93 -13.33
C ALA B 157 -12.94 -16.91 -12.33
N PHE B 158 -13.68 -16.64 -11.24
CA PHE B 158 -13.25 -15.71 -10.20
C PHE B 158 -13.31 -16.42 -8.83
N PRO B 159 -12.26 -17.22 -8.50
CA PRO B 159 -12.28 -17.96 -7.22
C PRO B 159 -12.36 -17.07 -5.97
N LYS B 160 -13.00 -17.59 -4.92
CA LYS B 160 -13.20 -16.92 -3.62
C LYS B 160 -11.88 -16.93 -2.83
N MET B 161 -10.92 -16.13 -3.31
CA MET B 161 -9.60 -15.95 -2.73
C MET B 161 -9.02 -14.60 -3.14
N LYS B 162 -8.20 -13.99 -2.27
CA LYS B 162 -7.56 -12.70 -2.53
C LYS B 162 -6.40 -12.91 -3.51
N LYS B 163 -5.75 -14.08 -3.41
CA LYS B 163 -4.60 -14.44 -4.22
C LYS B 163 -4.44 -15.97 -4.32
N LYS B 164 -3.65 -16.38 -5.32
CA LYS B 164 -3.27 -17.77 -5.55
C LYS B 164 -1.83 -17.89 -5.11
N GLY B 165 -1.57 -18.87 -4.25
CA GLY B 165 -0.24 -19.13 -3.73
C GLY B 165 0.05 -18.37 -2.46
N ALA B 166 1.30 -18.46 -2.00
CA ALA B 166 1.79 -17.78 -0.80
C ALA B 166 1.89 -16.26 -1.05
N GLU B 167 2.63 -15.52 -0.20
CA GLU B 167 2.80 -14.07 -0.32
C GLU B 167 3.12 -13.65 -1.75
N LEU B 168 2.56 -12.52 -2.19
CA LEU B 168 2.86 -12.02 -3.54
C LEU B 168 4.28 -11.49 -3.55
N PRO B 169 5.15 -12.01 -4.46
CA PRO B 169 6.53 -11.52 -4.48
C PRO B 169 6.60 -10.04 -4.88
N ALA B 170 7.64 -9.35 -4.43
CA ALA B 170 7.84 -7.94 -4.73
C ALA B 170 8.10 -7.75 -6.23
N LEU B 171 7.66 -6.59 -6.77
CA LEU B 171 7.92 -6.22 -8.15
C LEU B 171 9.11 -5.28 -8.20
N GLU B 172 10.17 -5.65 -8.94
CA GLU B 172 11.37 -4.81 -9.08
C GLU B 172 11.16 -3.87 -10.25
N VAL B 173 10.96 -2.59 -9.94
CA VAL B 173 10.68 -1.55 -10.94
C VAL B 173 11.80 -0.51 -10.99
N LEU B 174 11.83 0.27 -12.08
CA LEU B 174 12.76 1.37 -12.33
C LEU B 174 12.09 2.65 -11.87
N ASN B 175 12.86 3.72 -11.61
CA ASN B 175 12.31 4.99 -11.13
C ASN B 175 11.21 5.56 -12.04
N ASP B 176 11.42 5.56 -13.37
CA ASP B 176 10.44 6.08 -14.35
C ASP B 176 9.16 5.21 -14.45
N GLU B 177 9.18 4.00 -13.85
CA GLU B 177 8.01 3.09 -13.85
C GLU B 177 7.04 3.41 -12.69
N LEU B 178 7.44 4.28 -11.74
CA LEU B 178 6.67 4.65 -10.55
C LEU B 178 5.65 5.74 -10.80
N HIS B 179 4.62 5.81 -9.92
CA HIS B 179 3.65 6.89 -9.84
C HIS B 179 4.46 8.19 -9.58
N GLN B 180 4.19 9.27 -10.33
CA GLN B 180 4.92 10.55 -10.27
C GLN B 180 5.31 11.02 -8.84
N ASP B 181 4.37 10.93 -7.88
CA ASP B 181 4.60 11.40 -6.52
C ASP B 181 5.52 10.51 -5.69
N TYR B 182 5.86 9.31 -6.19
CA TYR B 182 6.72 8.35 -5.48
C TYR B 182 8.12 8.22 -6.10
N LYS B 183 8.34 8.89 -7.24
CA LYS B 183 9.64 8.96 -7.89
C LYS B 183 10.54 9.81 -6.99
N ALA B 184 11.87 9.53 -6.99
CA ALA B 184 12.90 10.24 -6.21
C ALA B 184 12.74 11.81 -6.29
N LYS B 185 13.05 12.61 -5.21
CA LYS B 185 13.64 12.34 -3.88
C LYS B 185 15.13 12.01 -4.00
C1 EDO C . 4.21 1.60 28.87
O1 EDO C . 2.90 1.44 29.35
C2 EDO C . 4.58 3.08 28.88
O2 EDO C . 4.22 3.72 30.07
H11 EDO C . 4.13 3.52 28.14
H12 EDO C . 5.53 3.18 28.74
HO1 EDO C . 4.29 4.54 29.98
H21 EDO C . 4.29 1.25 27.97
H22 EDO C . 4.83 1.11 29.43
HO2 EDO C . 2.47 0.91 28.85
C1 EDO D . -14.93 22.45 3.95
O1 EDO D . -16.07 23.27 4.23
C2 EDO D . -14.42 22.75 2.53
O2 EDO D . -14.16 24.15 2.38
H11 EDO D . -15.08 22.47 1.88
H12 EDO D . -13.61 22.25 2.35
HO1 EDO D . -14.65 24.58 2.91
H21 EDO D . -15.16 21.52 4.04
H22 EDO D . -14.23 22.63 4.60
HO2 EDO D . -16.35 23.11 5.00
C1 EDO E . -3.12 -6.73 38.15
O1 EDO E . -2.83 -6.59 36.77
C2 EDO E . -2.40 -5.63 38.95
O2 EDO E . -2.93 -4.36 38.62
H11 EDO E . -1.45 -5.65 38.76
H12 EDO E . -2.49 -5.78 39.91
HO1 EDO E . -2.54 -3.76 39.05
H21 EDO E . -2.83 -7.61 38.47
H22 EDO E . -4.07 -6.68 38.30
HO2 EDO E . -3.22 -7.20 36.34
#